data_6TN2
#
_entry.id   6TN2
#
_cell.length_a   108.516
_cell.length_b   108.516
_cell.length_c   83.676
_cell.angle_alpha   90.000
_cell.angle_beta   90.000
_cell.angle_gamma   120.000
#
_symmetry.space_group_name_H-M   'P 64'
#
loop_
_entity.id
_entity.type
_entity.pdbx_description
1 polymer '[Pyruvate dehydrogenase (acetyl-transferring)] kinase isozyme 2, mitochondrial'
2 non-polymer 'N-(2-AMINOETHYL)-2-{3-CHLORO-4-[(4-ISOPROPYLBENZYL)OXY]PHENYL} ACETAMIDE'
3 non-polymer ~{N}-(4-aminocarbonylphenyl)-~{N}-methyl-2,4-bis(oxidanyl)benzamide
4 non-polymer 'DIMETHYL SULFOXIDE'
5 non-polymer 'CHLORIDE ION'
6 water water
#
_entity_poly.entity_id   1
_entity_poly.type   'polypeptide(L)'
_entity_poly.pdbx_seq_one_letter_code
;GSAPKYIEHFSKFSPSPLSMKQFLDFGSSNACEKTSFTFLRQELPVRLANIMKEINLLPDRVLSTPSVQLVQSWYVQSLL
DIMEFLDKDPEDHRTLSQFTDALVTIRNRHNDVVPTMAQGVLEYKDTYGDDPVSNQNIQYFLDRFYLSRISIRMLINQHT
LIFDGSTNPAHPKHIGSIDPNCNVSEVVKDAYDMAKLLCDKYYMASPDLEIQEINAANSKQPIHMVYVPSHLYHMLFELF
KNAMRATVESHESSLILPPIKVMVALGEEDLSIKMSDRGGGVPLRKIERLFSYMYSTAPTPQPGTGGTPLAGFGYGLPIS
RLYAKYFQGDLQLFSMEGFGTDAVIYLKALSTDSVERLPVYNKSAWRHYQTIQEAGDWCVPSTEPKNTSTYRVS
;
_entity_poly.pdbx_strand_id   AAA
#
# COMPACT_ATOMS: atom_id res chain seq x y z
N GLY A 1 -11.38 31.14 -3.74
CA GLY A 1 -9.97 30.68 -3.73
C GLY A 1 -9.58 30.08 -5.08
N SER A 2 -8.42 29.43 -5.15
CA SER A 2 -7.75 29.00 -6.41
C SER A 2 -7.68 27.46 -6.54
N ALA A 3 -8.19 26.68 -5.57
CA ALA A 3 -7.98 25.21 -5.54
C ALA A 3 -8.32 24.62 -6.91
N PRO A 4 -9.50 24.91 -7.52
CA PRO A 4 -9.81 24.35 -8.84
C PRO A 4 -8.78 24.71 -9.93
N LYS A 5 -8.20 25.90 -9.84
CA LYS A 5 -7.19 26.43 -10.81
C LYS A 5 -5.92 25.57 -10.69
N TYR A 6 -5.38 25.54 -9.49
CA TYR A 6 -4.23 24.70 -9.04
C TYR A 6 -4.42 23.24 -9.48
N ILE A 7 -5.57 22.65 -9.18
CA ILE A 7 -5.91 21.27 -9.58
C ILE A 7 -5.79 21.19 -11.10
N GLU A 8 -6.33 22.17 -11.82
CA GLU A 8 -6.31 22.16 -13.30
C GLU A 8 -4.86 22.30 -13.79
N HIS A 9 -4.08 23.20 -13.20
CA HIS A 9 -2.68 23.45 -13.61
C HIS A 9 -1.85 22.16 -13.46
N PHE A 10 -1.75 21.66 -12.22
CA PHE A 10 -0.85 20.54 -11.85
C PHE A 10 -1.35 19.19 -12.41
N SER A 11 -2.64 19.03 -12.69
CA SER A 11 -3.15 17.79 -13.34
C SER A 11 -2.76 17.75 -14.82
N LYS A 12 -2.15 18.81 -15.35
CA LYS A 12 -1.60 18.81 -16.75
C LYS A 12 -0.31 17.99 -16.80
N PHE A 13 0.41 17.86 -15.67
CA PHE A 13 1.69 17.13 -15.56
C PHE A 13 1.39 15.66 -15.26
N SER A 14 2.27 14.78 -15.75
CA SER A 14 2.34 13.34 -15.36
C SER A 14 3.14 13.24 -14.07
N PRO A 15 2.70 12.46 -13.04
CA PRO A 15 3.58 12.10 -11.94
C PRO A 15 4.88 11.49 -12.48
N SER A 16 6.02 11.77 -11.85
CA SER A 16 7.34 11.22 -12.22
C SER A 16 7.63 10.02 -11.34
N PRO A 17 7.55 8.79 -11.86
CA PRO A 17 7.90 7.63 -11.06
C PRO A 17 9.41 7.53 -10.77
N LEU A 18 9.76 7.22 -9.52
CA LEU A 18 11.17 7.05 -9.10
C LEU A 18 11.45 5.55 -8.97
N SER A 19 12.69 5.17 -9.23
CA SER A 19 13.22 3.82 -8.92
C SER A 19 13.75 3.82 -7.49
N MET A 20 13.92 2.65 -6.90
CA MET A 20 14.79 2.46 -5.71
C MET A 20 16.12 3.20 -5.84
N LYS A 21 16.82 3.04 -6.97
CA LYS A 21 18.12 3.71 -7.20
C LYS A 21 17.98 5.21 -6.87
N GLN A 22 17.08 5.90 -7.57
CA GLN A 22 16.80 7.34 -7.35
C GLN A 22 16.52 7.62 -5.87
N PHE A 23 15.67 6.80 -5.23
CA PHE A 23 15.29 6.93 -3.79
C PHE A 23 16.56 6.87 -2.93
N LEU A 24 17.43 5.89 -3.18
CA LEU A 24 18.69 5.68 -2.42
C LEU A 24 19.64 6.88 -2.60
N ASP A 25 19.76 7.45 -3.81
CA ASP A 25 20.63 8.63 -4.06
C ASP A 25 20.15 9.84 -3.26
N PHE A 26 18.84 10.13 -3.30
CA PHE A 26 18.21 11.26 -2.57
C PHE A 26 18.59 11.23 -1.08
N GLY A 27 19.05 10.08 -0.56
CA GLY A 27 19.33 9.86 0.87
C GLY A 27 20.79 9.62 1.17
N SER A 28 21.70 9.94 0.23
CA SER A 28 23.18 9.90 0.39
C SER A 28 23.60 10.70 1.63
N ALA A 31 22.08 12.87 -3.30
CA ALA A 31 21.86 14.33 -3.26
C ALA A 31 21.56 14.75 -1.81
N CYS A 32 20.93 15.92 -1.61
CA CYS A 32 20.73 16.55 -0.28
C CYS A 32 19.32 17.15 -0.18
N GLU A 33 19.08 17.88 0.90
CA GLU A 33 17.74 18.30 1.36
C GLU A 33 17.13 19.32 0.39
N LYS A 34 17.94 20.21 -0.15
CA LYS A 34 17.49 21.29 -1.08
C LYS A 34 16.86 20.67 -2.33
N THR A 35 17.50 19.65 -2.88
CA THR A 35 17.04 18.94 -4.11
C THR A 35 15.73 18.19 -3.81
N SER A 36 15.62 17.56 -2.64
CA SER A 36 14.38 16.86 -2.20
C SER A 36 13.25 17.89 -2.14
N PHE A 37 13.54 19.03 -1.51
CA PHE A 37 12.60 20.17 -1.37
C PHE A 37 12.11 20.65 -2.75
N THR A 38 13.02 20.95 -3.68
CA THR A 38 12.65 21.50 -5.01
C THR A 38 11.94 20.42 -5.83
N PHE A 39 12.31 19.13 -5.69
CA PHE A 39 11.58 18.03 -6.38
C PHE A 39 10.13 17.98 -5.84
N LEU A 40 10.01 17.92 -4.51
CA LEU A 40 8.75 17.58 -3.80
C LEU A 40 7.74 18.72 -3.93
N ARG A 41 8.20 19.97 -3.90
CA ARG A 41 7.30 21.13 -4.00
C ARG A 41 6.68 21.17 -5.41
N GLN A 42 7.28 20.52 -6.41
CA GLN A 42 6.60 20.33 -7.71
C GLN A 42 5.80 19.01 -7.71
N GLU A 43 6.41 17.92 -7.23
CA GLU A 43 5.89 16.56 -7.53
C GLU A 43 4.66 16.29 -6.67
N LEU A 44 4.63 16.75 -5.43
CA LEU A 44 3.46 16.50 -4.55
C LEU A 44 2.22 17.20 -5.14
N PRO A 45 2.26 18.50 -5.51
CA PRO A 45 1.12 19.12 -6.16
C PRO A 45 0.66 18.34 -7.39
N VAL A 46 1.60 17.82 -8.17
CA VAL A 46 1.30 17.02 -9.38
C VAL A 46 0.50 15.77 -8.96
N ARG A 47 0.95 15.07 -7.92
CA ARG A 47 0.32 13.77 -7.53
C ARG A 47 -1.01 14.08 -6.86
N LEU A 48 -1.05 15.09 -5.98
CA LEU A 48 -2.31 15.52 -5.32
C LEU A 48 -3.36 15.89 -6.37
N ALA A 49 -3.00 16.79 -7.28
CA ALA A 49 -3.91 17.33 -8.30
C ALA A 49 -4.43 16.20 -9.17
N ASN A 50 -3.57 15.25 -9.56
CA ASN A 50 -3.98 14.16 -10.50
C ASN A 50 -5.10 13.35 -9.85
N ILE A 51 -4.95 12.98 -8.58
CA ILE A 51 -6.02 12.20 -7.89
C ILE A 51 -7.23 13.10 -7.57
N MET A 52 -7.02 14.37 -7.18
CA MET A 52 -8.15 15.31 -6.91
C MET A 52 -9.01 15.46 -8.18
N LYS A 53 -8.35 15.56 -9.34
CA LYS A 53 -9.08 15.70 -10.61
C LYS A 53 -9.98 14.48 -10.78
N GLU A 54 -9.44 13.29 -10.51
CA GLU A 54 -10.17 12.02 -10.67
C GLU A 54 -11.33 11.96 -9.64
N ILE A 55 -11.09 12.35 -8.40
CA ILE A 55 -12.18 12.43 -7.38
C ILE A 55 -13.33 13.29 -7.95
N ASN A 56 -13.01 14.46 -8.53
CA ASN A 56 -14.01 15.42 -9.09
C ASN A 56 -14.79 14.82 -10.26
N LEU A 57 -14.35 13.70 -10.84
CA LEU A 57 -15.05 13.04 -11.97
C LEU A 57 -16.04 11.99 -11.45
N LEU A 58 -16.05 11.73 -10.14
CA LEU A 58 -17.05 10.79 -9.56
C LEU A 58 -18.44 11.38 -9.79
N PRO A 59 -19.47 10.53 -10.03
CA PRO A 59 -20.84 11.03 -10.15
C PRO A 59 -21.24 11.80 -8.88
N ASP A 60 -22.15 12.76 -9.03
CA ASP A 60 -22.58 13.68 -7.94
C ASP A 60 -23.04 12.89 -6.71
N ARG A 61 -23.78 11.80 -6.92
CA ARG A 61 -24.35 10.98 -5.82
C ARG A 61 -23.23 10.31 -4.98
N VAL A 62 -22.01 10.21 -5.51
CA VAL A 62 -20.80 9.77 -4.75
C VAL A 62 -20.06 11.01 -4.23
N LEU A 63 -19.77 11.94 -5.13
CA LEU A 63 -19.00 13.19 -4.86
C LEU A 63 -19.66 13.97 -3.70
N SER A 64 -21.00 13.99 -3.64
CA SER A 64 -21.75 14.87 -2.70
C SER A 64 -21.72 14.30 -1.28
N THR A 65 -21.43 13.00 -1.13
CA THR A 65 -21.45 12.30 0.18
C THR A 65 -20.42 12.92 1.12
N PRO A 66 -20.69 12.92 2.45
CA PRO A 66 -19.80 13.58 3.40
C PRO A 66 -18.37 13.00 3.42
N SER A 67 -18.22 11.68 3.22
CA SER A 67 -16.89 11.01 3.34
C SER A 67 -15.98 11.51 2.22
N VAL A 68 -16.52 11.62 1.00
CA VAL A 68 -15.73 12.09 -0.18
C VAL A 68 -15.47 13.59 -0.06
N GLN A 69 -16.48 14.34 0.36
CA GLN A 69 -16.34 15.80 0.60
C GLN A 69 -15.25 15.97 1.66
N LEU A 70 -15.27 15.17 2.73
CA LEU A 70 -14.26 15.33 3.81
C LEU A 70 -12.84 15.04 3.28
N VAL A 71 -12.67 13.93 2.55
CA VAL A 71 -11.36 13.52 1.98
C VAL A 71 -10.91 14.60 0.97
N GLN A 72 -11.81 15.04 0.10
CA GLN A 72 -11.53 16.11 -0.88
C GLN A 72 -11.03 17.37 -0.15
N SER A 73 -11.62 17.71 1.00
CA SER A 73 -11.22 18.90 1.79
C SER A 73 -9.79 18.70 2.34
N TRP A 74 -9.43 17.49 2.77
CA TRP A 74 -8.02 17.23 3.21
C TRP A 74 -7.05 17.49 2.04
N TYR A 75 -7.35 16.96 0.87
CA TYR A 75 -6.48 17.09 -0.33
C TYR A 75 -6.32 18.58 -0.65
N VAL A 76 -7.42 19.34 -0.62
CA VAL A 76 -7.38 20.79 -0.96
C VAL A 76 -6.41 21.50 0.00
N GLN A 77 -6.57 21.29 1.32
CA GLN A 77 -5.70 21.95 2.32
C GLN A 77 -4.25 21.54 2.09
N SER A 78 -4.01 20.26 1.81
CA SER A 78 -2.64 19.71 1.68
C SER A 78 -1.97 20.31 0.46
N LEU A 79 -2.69 20.42 -0.66
CA LEU A 79 -2.22 21.11 -1.89
C LEU A 79 -1.85 22.56 -1.55
N LEU A 80 -2.75 23.29 -0.87
CA LEU A 80 -2.53 24.71 -0.45
C LEU A 80 -1.33 24.80 0.49
N ASP A 81 -1.20 23.91 1.47
CA ASP A 81 -0.02 23.92 2.37
C ASP A 81 1.27 23.86 1.54
N ILE A 82 1.32 23.05 0.47
CA ILE A 82 2.55 22.84 -0.38
C ILE A 82 2.83 24.09 -1.24
N MET A 83 1.79 24.69 -1.81
CA MET A 83 1.87 25.96 -2.59
C MET A 83 2.70 27.02 -1.85
N GLU A 84 2.45 27.24 -0.55
CA GLU A 84 3.11 28.30 0.23
C GLU A 84 4.61 28.33 -0.10
N PHE A 85 5.20 27.20 -0.48
CA PHE A 85 6.66 27.00 -0.57
C PHE A 85 7.17 27.18 -2.01
N LEU A 86 6.27 27.37 -2.98
CA LEU A 86 6.70 27.39 -4.42
C LEU A 86 7.68 28.55 -4.66
N ASP A 87 7.48 29.70 -4.02
N ASP A 87 7.44 29.70 -4.01
CA ASP A 87 8.31 30.93 -4.22
CA ASP A 87 8.21 30.96 -4.15
C ASP A 87 9.40 31.02 -3.15
C ASP A 87 9.41 30.97 -3.18
N LYS A 88 9.31 30.25 -2.07
CA LYS A 88 10.31 30.26 -0.97
C LYS A 88 11.69 29.85 -1.51
N ASP A 89 12.73 30.25 -0.79
CA ASP A 89 14.16 30.14 -1.20
C ASP A 89 14.77 28.89 -0.58
N PRO A 90 15.18 27.90 -1.41
CA PRO A 90 15.77 26.66 -0.88
C PRO A 90 17.01 26.84 0.01
N GLU A 91 17.77 27.94 -0.14
CA GLU A 91 19.04 28.20 0.60
C GLU A 91 18.73 28.57 2.06
N ASP A 92 17.52 29.05 2.33
CA ASP A 92 17.06 29.45 3.69
C ASP A 92 16.65 28.19 4.46
N HIS A 93 17.41 27.81 5.49
CA HIS A 93 17.22 26.58 6.28
C HIS A 93 15.86 26.61 7.01
N ARG A 94 15.26 27.79 7.20
CA ARG A 94 13.92 27.94 7.82
C ARG A 94 12.84 27.54 6.81
N THR A 95 13.07 27.78 5.52
CA THR A 95 12.21 27.26 4.42
C THR A 95 12.14 25.74 4.55
N LEU A 96 13.31 25.10 4.69
CA LEU A 96 13.49 23.63 4.68
C LEU A 96 12.88 22.98 5.93
N SER A 97 13.13 23.50 7.12
CA SER A 97 12.54 22.98 8.39
C SER A 97 11.01 23.14 8.36
N GLN A 98 10.50 24.25 7.82
CA GLN A 98 9.04 24.55 7.78
C GLN A 98 8.37 23.59 6.79
N PHE A 99 9.08 23.23 5.72
CA PHE A 99 8.58 22.30 4.67
C PHE A 99 8.37 20.91 5.30
N THR A 100 9.39 20.42 6.01
CA THR A 100 9.36 19.15 6.79
C THR A 100 8.17 19.17 7.75
N ASP A 101 8.02 20.24 8.52
CA ASP A 101 6.88 20.43 9.45
C ASP A 101 5.57 20.31 8.67
N ALA A 102 5.50 20.94 7.51
CA ALA A 102 4.27 20.98 6.67
C ALA A 102 3.95 19.55 6.18
N LEU A 103 4.97 18.76 5.88
CA LEU A 103 4.80 17.39 5.33
C LEU A 103 4.22 16.49 6.43
N VAL A 104 4.68 16.67 7.67
CA VAL A 104 4.23 15.86 8.82
C VAL A 104 2.74 16.14 9.09
N THR A 105 2.31 17.39 8.99
CA THR A 105 0.90 17.80 9.23
C THR A 105 -0.01 17.20 8.16
N ILE A 106 0.41 17.29 6.91
CA ILE A 106 -0.26 16.71 5.71
C ILE A 106 -0.41 15.21 5.95
N ARG A 107 0.68 14.54 6.34
CA ARG A 107 0.67 13.07 6.52
C ARG A 107 -0.37 12.71 7.58
N ASN A 108 -0.31 13.40 8.73
CA ASN A 108 -1.17 13.21 9.92
C ASN A 108 -2.62 13.46 9.51
N ARG A 109 -2.86 14.54 8.77
CA ARG A 109 -4.19 15.00 8.32
C ARG A 109 -4.92 13.88 7.54
N HIS A 110 -4.18 13.09 6.76
CA HIS A 110 -4.72 12.04 5.85
C HIS A 110 -4.73 10.65 6.50
N ASN A 111 -4.41 10.54 7.78
CA ASN A 111 -4.23 9.21 8.42
C ASN A 111 -5.52 8.37 8.35
N ASP A 112 -6.71 9.00 8.37
CA ASP A 112 -7.98 8.26 8.55
C ASP A 112 -8.71 8.08 7.22
N VAL A 113 -8.01 8.19 6.10
CA VAL A 113 -8.62 8.15 4.74
C VAL A 113 -9.30 6.80 4.56
N VAL A 114 -8.69 5.72 5.02
CA VAL A 114 -9.17 4.38 4.63
C VAL A 114 -10.53 4.13 5.28
N PRO A 115 -10.68 4.28 6.62
CA PRO A 115 -11.99 4.11 7.23
C PRO A 115 -13.02 5.15 6.73
N THR A 116 -12.57 6.34 6.34
CA THR A 116 -13.45 7.41 5.78
C THR A 116 -14.03 6.94 4.45
N MET A 117 -13.16 6.51 3.53
CA MET A 117 -13.59 5.92 2.24
C MET A 117 -14.47 4.69 2.46
N ALA A 118 -14.15 3.85 3.45
CA ALA A 118 -14.94 2.65 3.79
C ALA A 118 -16.38 3.05 4.17
N GLN A 119 -16.57 4.15 4.91
CA GLN A 119 -17.91 4.71 5.22
C GLN A 119 -18.63 5.05 3.92
N GLY A 120 -17.92 5.70 2.99
CA GLY A 120 -18.44 6.07 1.67
C GLY A 120 -18.96 4.85 0.94
N VAL A 121 -18.22 3.75 1.03
CA VAL A 121 -18.57 2.48 0.33
C VAL A 121 -19.86 1.93 0.97
N LEU A 122 -19.89 1.83 2.30
CA LEU A 122 -21.06 1.39 3.10
C LEU A 122 -22.30 2.19 2.67
N GLU A 123 -22.18 3.53 2.69
N GLU A 123 -22.20 3.50 2.66
CA GLU A 123 -23.29 4.46 2.36
CA GLU A 123 -23.37 4.35 2.37
C GLU A 123 -23.81 4.15 0.96
C GLU A 123 -23.83 4.10 0.93
N TYR A 124 -22.91 3.92 -0.01
CA TYR A 124 -23.25 3.67 -1.44
C TYR A 124 -23.99 2.32 -1.55
N LYS A 125 -23.54 1.28 -0.85
CA LYS A 125 -24.16 -0.06 -0.87
C LYS A 125 -25.63 0.04 -0.44
N ASP A 126 -25.88 0.84 0.59
CA ASP A 126 -27.23 0.97 1.21
C ASP A 126 -28.07 1.98 0.42
N THR A 127 -27.48 3.06 -0.08
CA THR A 127 -28.24 4.11 -0.77
C THR A 127 -28.46 3.76 -2.25
N TYR A 128 -27.58 3.00 -2.92
CA TYR A 128 -27.68 2.73 -4.40
C TYR A 128 -27.55 1.25 -4.74
N GLY A 129 -26.99 0.40 -3.87
CA GLY A 129 -26.92 -1.05 -4.11
C GLY A 129 -25.50 -1.56 -4.38
N ASP A 130 -25.39 -2.87 -4.56
CA ASP A 130 -24.11 -3.62 -4.58
C ASP A 130 -24.07 -4.51 -5.83
N ASP A 131 -24.44 -3.95 -6.96
CA ASP A 131 -24.45 -4.61 -8.29
C ASP A 131 -23.04 -4.67 -8.86
N PRO A 132 -22.77 -5.59 -9.82
CA PRO A 132 -21.42 -5.80 -10.33
C PRO A 132 -20.75 -4.57 -10.97
N VAL A 133 -21.55 -3.67 -11.55
CA VAL A 133 -20.99 -2.46 -12.23
C VAL A 133 -20.51 -1.47 -11.15
N SER A 134 -21.31 -1.23 -10.12
CA SER A 134 -20.93 -0.45 -8.90
C SER A 134 -19.60 -1.01 -8.37
N ASN A 135 -19.56 -2.32 -8.15
CA ASN A 135 -18.36 -3.03 -7.65
C ASN A 135 -17.11 -2.68 -8.48
N GLN A 136 -17.16 -2.80 -9.81
CA GLN A 136 -16.02 -2.51 -10.70
C GLN A 136 -15.63 -1.04 -10.59
N ASN A 137 -16.60 -0.12 -10.55
CA ASN A 137 -16.29 1.32 -10.50
C ASN A 137 -15.63 1.64 -9.15
N ILE A 138 -16.15 1.09 -8.06
CA ILE A 138 -15.50 1.26 -6.73
C ILE A 138 -14.07 0.68 -6.79
N GLN A 139 -13.92 -0.53 -7.32
CA GLN A 139 -12.61 -1.23 -7.38
C GLN A 139 -11.64 -0.41 -8.20
N TYR A 140 -12.12 0.14 -9.31
CA TYR A 140 -11.29 0.90 -10.27
C TYR A 140 -10.77 2.14 -9.54
N PHE A 141 -11.70 2.87 -8.90
CA PHE A 141 -11.41 4.16 -8.24
C PHE A 141 -10.47 3.94 -7.04
N LEU A 142 -10.82 3.06 -6.12
CA LEU A 142 -10.06 2.90 -4.85
C LEU A 142 -8.65 2.33 -5.10
N ASP A 143 -8.52 1.39 -6.02
CA ASP A 143 -7.17 0.89 -6.41
C ASP A 143 -6.28 2.07 -6.81
N ARG A 144 -6.81 3.00 -7.63
CA ARG A 144 -6.05 4.18 -8.10
C ARG A 144 -5.85 5.13 -6.93
N PHE A 145 -6.91 5.40 -6.18
CA PHE A 145 -6.84 6.34 -5.05
C PHE A 145 -5.78 5.88 -4.06
N TYR A 146 -5.87 4.62 -3.64
CA TYR A 146 -5.02 4.06 -2.56
C TYR A 146 -3.58 3.93 -3.06
N LEU A 147 -3.39 3.56 -4.33
CA LEU A 147 -2.02 3.48 -4.91
C LEU A 147 -1.40 4.88 -4.95
N SER A 148 -2.15 5.87 -5.43
CA SER A 148 -1.73 7.29 -5.38
C SER A 148 -1.28 7.61 -3.96
N ARG A 149 -2.11 7.29 -2.97
CA ARG A 149 -1.88 7.68 -1.56
C ARG A 149 -0.63 6.97 -1.01
N ILE A 150 -0.45 5.69 -1.33
CA ILE A 150 0.80 4.95 -0.97
C ILE A 150 2.01 5.75 -1.50
N SER A 151 1.97 6.23 -2.76
CA SER A 151 3.12 6.89 -3.44
C SER A 151 3.44 8.23 -2.78
N ILE A 152 2.40 8.97 -2.37
CA ILE A 152 2.54 10.28 -1.68
C ILE A 152 3.11 10.02 -0.29
N ARG A 153 2.63 9.01 0.44
CA ARG A 153 3.16 8.73 1.79
C ARG A 153 4.63 8.33 1.68
N MET A 154 5.00 7.58 0.64
CA MET A 154 6.42 7.17 0.40
C MET A 154 7.31 8.42 0.26
N LEU A 155 6.92 9.35 -0.63
CA LEU A 155 7.70 10.58 -0.87
C LEU A 155 7.87 11.33 0.44
N ILE A 156 6.77 11.52 1.16
CA ILE A 156 6.77 12.31 2.41
C ILE A 156 7.63 11.58 3.44
N ASN A 157 7.45 10.28 3.60
CA ASN A 157 8.24 9.46 4.56
C ASN A 157 9.72 9.56 4.24
N GLN A 158 10.10 9.45 2.95
CA GLN A 158 11.53 9.52 2.57
C GLN A 158 12.10 10.87 3.01
N HIS A 159 11.40 11.96 2.74
CA HIS A 159 11.86 13.32 3.09
C HIS A 159 11.97 13.48 4.62
N THR A 160 10.93 13.17 5.39
CA THR A 160 10.85 13.50 6.84
C THR A 160 11.81 12.61 7.62
N LEU A 161 12.09 11.41 7.14
CA LEU A 161 12.90 10.41 7.88
C LEU A 161 14.37 10.72 7.62
N ILE A 162 14.72 11.04 6.38
CA ILE A 162 16.14 11.28 5.99
C ILE A 162 16.56 12.63 6.57
N PHE A 163 15.75 13.67 6.41
CA PHE A 163 16.10 15.07 6.77
C PHE A 163 15.43 15.49 8.08
N ASP A 164 15.87 14.91 9.21
CA ASP A 164 15.35 15.22 10.58
C ASP A 164 16.07 16.45 11.17
N LYS A 173 22.53 3.14 7.53
CA LYS A 173 22.16 1.79 6.99
C LYS A 173 20.79 1.85 6.29
N HIS A 174 19.71 2.08 7.02
CA HIS A 174 18.39 2.32 6.39
C HIS A 174 18.40 3.70 5.76
N ILE A 175 17.79 3.84 4.58
CA ILE A 175 17.60 5.15 3.90
C ILE A 175 16.11 5.48 4.01
N GLY A 176 15.74 6.16 5.10
CA GLY A 176 14.33 6.40 5.47
C GLY A 176 13.60 5.09 5.65
N SER A 177 12.61 4.82 4.79
CA SER A 177 11.73 3.63 4.85
C SER A 177 12.36 2.47 4.05
N ILE A 178 13.47 2.71 3.35
CA ILE A 178 14.19 1.72 2.50
C ILE A 178 15.35 1.10 3.29
N ASP A 179 15.39 -0.23 3.27
CA ASP A 179 16.51 -1.05 3.75
C ASP A 179 17.16 -1.63 2.52
N PRO A 180 18.39 -1.21 2.16
CA PRO A 180 19.07 -1.74 0.99
C PRO A 180 19.64 -3.14 1.22
N ASN A 181 19.49 -3.66 2.43
CA ASN A 181 19.93 -5.03 2.80
C ASN A 181 18.82 -5.69 3.61
N CYS A 182 17.59 -5.61 3.11
CA CYS A 182 16.38 -6.20 3.75
C CYS A 182 16.47 -7.74 3.75
N ASN A 183 16.46 -8.34 4.93
CA ASN A 183 16.50 -9.81 5.11
C ASN A 183 15.05 -10.28 5.13
N VAL A 184 14.60 -10.85 4.03
CA VAL A 184 13.16 -11.11 3.78
C VAL A 184 12.63 -12.06 4.85
N SER A 185 13.36 -13.12 5.17
CA SER A 185 12.96 -14.12 6.19
C SER A 185 12.80 -13.49 7.59
N GLU A 186 13.61 -12.49 7.92
CA GLU A 186 13.48 -11.77 9.23
C GLU A 186 12.14 -11.02 9.27
N VAL A 187 11.76 -10.32 8.19
CA VAL A 187 10.46 -9.61 8.14
C VAL A 187 9.32 -10.64 8.20
N VAL A 188 9.48 -11.78 7.51
CA VAL A 188 8.48 -12.90 7.60
C VAL A 188 8.30 -13.31 9.07
N LYS A 189 9.39 -13.52 9.80
CA LYS A 189 9.32 -14.02 11.21
C LYS A 189 8.67 -12.96 12.10
N ASP A 190 9.05 -11.69 11.92
CA ASP A 190 8.45 -10.54 12.67
C ASP A 190 6.93 -10.55 12.49
N ALA A 191 6.45 -10.49 11.25
CA ALA A 191 5.01 -10.45 10.93
C ALA A 191 4.32 -11.71 11.49
N TYR A 192 4.93 -12.88 11.39
CA TYR A 192 4.38 -14.15 11.96
C TYR A 192 4.22 -14.01 13.49
N ASP A 193 5.30 -13.60 14.14
CA ASP A 193 5.38 -13.43 15.63
C ASP A 193 4.26 -12.49 16.09
N MET A 194 4.00 -11.41 15.35
CA MET A 194 2.93 -10.46 15.73
C MET A 194 1.55 -11.10 15.55
N ALA A 195 1.33 -11.75 14.41
CA ALA A 195 0.04 -12.40 14.11
C ALA A 195 -0.22 -13.51 15.15
N LYS A 196 0.80 -14.30 15.46
CA LYS A 196 0.73 -15.39 16.46
C LYS A 196 0.26 -14.85 17.82
N LEU A 197 0.85 -13.74 18.23
CA LEU A 197 0.49 -12.99 19.46
C LEU A 197 -1.02 -12.74 19.50
N LEU A 198 -1.57 -12.18 18.43
CA LEU A 198 -3.01 -11.83 18.37
C LEU A 198 -3.81 -13.12 18.32
N CYS A 199 -3.32 -14.10 17.59
CA CYS A 199 -4.00 -15.38 17.33
C CYS A 199 -4.11 -16.12 18.67
N ASP A 200 -3.02 -16.19 19.43
CA ASP A 200 -2.98 -16.85 20.77
C ASP A 200 -3.96 -16.17 21.73
N LYS A 201 -4.08 -14.85 21.67
CA LYS A 201 -4.96 -14.04 22.54
C LYS A 201 -6.42 -14.34 22.21
N TYR A 202 -6.80 -14.38 20.93
CA TYR A 202 -8.21 -14.49 20.50
C TYR A 202 -8.63 -15.97 20.49
N TYR A 203 -7.76 -16.88 20.07
CA TYR A 203 -8.03 -18.35 20.03
C TYR A 203 -7.15 -19.04 21.09
N MET A 204 -7.38 -20.31 21.38
CA MET A 204 -6.56 -21.01 22.41
C MET A 204 -5.29 -21.57 21.76
N ALA A 205 -5.05 -21.26 20.48
CA ALA A 205 -3.97 -21.91 19.69
C ALA A 205 -3.52 -21.04 18.50
N SER A 206 -2.38 -21.41 17.94
CA SER A 206 -1.76 -20.72 16.80
C SER A 206 -0.94 -21.77 16.06
N PRO A 207 -0.99 -21.82 14.73
CA PRO A 207 -0.11 -22.72 13.99
C PRO A 207 1.33 -22.25 14.11
N ASP A 208 2.26 -23.19 13.99
CA ASP A 208 3.71 -22.89 13.91
C ASP A 208 4.07 -22.36 12.51
N LEU A 209 5.29 -21.85 12.37
CA LEU A 209 5.86 -21.30 11.13
C LEU A 209 6.94 -22.26 10.66
N GLU A 210 6.99 -22.54 9.37
CA GLU A 210 8.19 -23.10 8.74
C GLU A 210 8.59 -22.16 7.62
N ILE A 211 9.85 -21.75 7.57
CA ILE A 211 10.37 -20.96 6.44
C ILE A 211 11.35 -21.83 5.70
N GLN A 212 11.33 -21.79 4.38
CA GLN A 212 12.33 -22.38 3.48
C GLN A 212 12.76 -21.26 2.51
N GLU A 213 14.06 -21.08 2.32
CA GLU A 213 14.64 -20.20 1.30
C GLU A 213 15.14 -21.06 0.15
N ILE A 214 15.02 -20.52 -1.06
CA ILE A 214 15.52 -21.07 -2.34
C ILE A 214 16.24 -19.91 -3.02
N ASN A 215 17.54 -19.78 -2.77
CA ASN A 215 18.39 -18.82 -3.52
C ASN A 215 18.93 -19.55 -4.74
N ALA A 216 18.20 -19.49 -5.86
CA ALA A 216 18.49 -20.25 -7.10
C ALA A 216 20.00 -20.14 -7.45
N ALA A 217 20.53 -18.92 -7.57
CA ALA A 217 21.88 -18.62 -8.09
C ALA A 217 22.97 -18.86 -7.01
N ASN A 218 22.61 -18.78 -5.73
CA ASN A 218 23.56 -18.81 -4.59
C ASN A 218 22.95 -19.61 -3.45
N SER A 219 22.83 -20.93 -3.66
CA SER A 219 22.19 -21.86 -2.71
C SER A 219 22.76 -21.52 -1.32
N LYS A 220 21.95 -21.54 -0.27
CA LYS A 220 22.46 -21.35 1.11
C LYS A 220 23.00 -19.91 1.36
N GLN A 221 23.06 -18.99 0.39
CA GLN A 221 23.29 -17.55 0.71
C GLN A 221 21.97 -16.95 1.17
N PRO A 222 21.92 -16.31 2.37
CA PRO A 222 20.67 -15.74 2.90
C PRO A 222 20.09 -14.70 1.91
N ILE A 223 18.77 -14.61 1.81
CA ILE A 223 18.12 -13.81 0.72
C ILE A 223 17.90 -12.40 1.24
N HIS A 224 18.46 -11.43 0.52
CA HIS A 224 18.39 -9.99 0.86
C HIS A 224 17.88 -9.27 -0.38
N MET A 225 17.34 -8.10 -0.18
CA MET A 225 16.88 -7.26 -1.31
C MET A 225 16.87 -5.81 -0.83
N VAL A 226 16.77 -4.88 -1.78
CA VAL A 226 16.43 -3.47 -1.51
C VAL A 226 14.89 -3.41 -1.48
N TYR A 227 14.33 -3.02 -0.35
CA TYR A 227 12.85 -2.89 -0.26
C TYR A 227 12.50 -1.94 0.87
N VAL A 228 11.22 -1.64 0.96
CA VAL A 228 10.56 -0.88 2.05
C VAL A 228 10.00 -1.90 3.02
N PRO A 229 10.73 -2.25 4.10
CA PRO A 229 10.33 -3.38 4.95
C PRO A 229 8.96 -3.16 5.60
N SER A 230 8.56 -1.93 5.87
CA SER A 230 7.25 -1.66 6.52
C SER A 230 6.13 -2.13 5.56
N HIS A 231 6.30 -1.91 4.25
CA HIS A 231 5.36 -2.38 3.20
C HIS A 231 5.29 -3.91 3.21
N LEU A 232 6.43 -4.56 3.30
CA LEU A 232 6.55 -6.03 3.24
C LEU A 232 5.89 -6.64 4.49
N TYR A 233 6.17 -6.04 5.64
CA TYR A 233 5.54 -6.37 6.94
C TYR A 233 4.01 -6.28 6.82
N HIS A 234 3.50 -5.14 6.35
CA HIS A 234 2.05 -4.90 6.14
C HIS A 234 1.45 -6.06 5.35
N MET A 235 2.06 -6.44 4.23
CA MET A 235 1.54 -7.54 3.38
C MET A 235 1.57 -8.86 4.13
N LEU A 236 2.71 -9.21 4.71
CA LEU A 236 2.94 -10.53 5.40
C LEU A 236 2.02 -10.63 6.62
N PHE A 237 1.85 -9.54 7.35
CA PHE A 237 0.99 -9.51 8.57
C PHE A 237 -0.46 -9.84 8.17
N GLU A 238 -0.98 -9.13 7.18
CA GLU A 238 -2.33 -9.38 6.66
C GLU A 238 -2.48 -10.85 6.24
N LEU A 239 -1.52 -11.37 5.51
CA LEU A 239 -1.59 -12.76 5.03
C LEU A 239 -1.51 -13.74 6.22
N PHE A 240 -0.66 -13.47 7.21
CA PHE A 240 -0.53 -14.36 8.38
C PHE A 240 -1.86 -14.41 9.14
N LYS A 241 -2.49 -13.26 9.33
CA LYS A 241 -3.80 -13.15 10.03
C LYS A 241 -4.79 -14.07 9.34
N ASN A 242 -4.87 -13.99 8.02
CA ASN A 242 -5.85 -14.76 7.22
C ASN A 242 -5.54 -16.24 7.37
N ALA A 243 -4.28 -16.61 7.17
CA ALA A 243 -3.88 -18.02 7.18
C ALA A 243 -4.09 -18.62 8.59
N MET A 244 -3.85 -17.83 9.66
CA MET A 244 -4.04 -18.28 11.07
C MET A 244 -5.53 -18.45 11.36
N ARG A 245 -6.37 -17.48 11.00
CA ARG A 245 -7.82 -17.58 11.25
C ARG A 245 -8.36 -18.83 10.56
N ALA A 246 -8.07 -19.03 9.28
CA ALA A 246 -8.57 -20.20 8.50
C ALA A 246 -8.13 -21.50 9.19
N THR A 247 -6.82 -21.64 9.44
CA THR A 247 -6.20 -22.85 10.03
C THR A 247 -6.88 -23.17 11.37
N VAL A 248 -6.99 -22.19 12.25
CA VAL A 248 -7.54 -22.39 13.61
C VAL A 248 -9.01 -22.78 13.45
N GLU A 249 -9.78 -22.03 12.69
CA GLU A 249 -11.25 -22.20 12.70
C GLU A 249 -11.66 -23.52 12.04
N SER A 250 -10.94 -23.95 11.01
CA SER A 250 -11.25 -25.18 10.24
C SER A 250 -10.80 -26.40 11.05
N HIS A 251 -10.00 -26.22 12.11
CA HIS A 251 -9.46 -27.35 12.89
C HIS A 251 -9.97 -27.35 14.34
N GLU A 252 -11.06 -26.66 14.66
CA GLU A 252 -11.40 -26.43 16.09
C GLU A 252 -12.06 -27.69 16.67
N SER A 253 -12.42 -28.69 15.84
CA SER A 253 -12.88 -30.04 16.24
C SER A 253 -11.77 -31.08 16.03
N SER A 254 -10.64 -30.67 15.45
CA SER A 254 -9.43 -31.50 15.23
C SER A 254 -8.44 -31.15 16.35
N LEU A 255 -7.36 -31.89 16.54
CA LEU A 255 -6.36 -31.60 17.61
C LEU A 255 -5.10 -31.00 16.95
N ILE A 256 -4.57 -31.73 15.97
CA ILE A 256 -3.42 -31.29 15.11
C ILE A 256 -3.77 -29.94 14.46
N LEU A 257 -2.77 -29.08 14.37
CA LEU A 257 -2.87 -27.71 13.78
C LEU A 257 -1.73 -27.63 12.79
N PRO A 258 -2.02 -27.71 11.46
CA PRO A 258 -0.93 -27.73 10.48
C PRO A 258 -0.20 -26.40 10.60
N PRO A 259 1.12 -26.39 10.39
CA PRO A 259 1.87 -25.15 10.43
C PRO A 259 1.54 -24.31 9.19
N ILE A 260 1.95 -23.05 9.21
CA ILE A 260 1.98 -22.19 8.01
C ILE A 260 3.38 -22.27 7.44
N LYS A 261 3.49 -22.60 6.15
CA LYS A 261 4.80 -22.81 5.47
C LYS A 261 5.03 -21.64 4.54
N VAL A 262 6.17 -20.97 4.68
CA VAL A 262 6.54 -19.82 3.84
C VAL A 262 7.75 -20.29 3.04
N MET A 263 7.72 -20.07 1.73
CA MET A 263 8.90 -20.22 0.87
C MET A 263 9.29 -18.83 0.36
N VAL A 264 10.57 -18.52 0.46
CA VAL A 264 11.19 -17.30 -0.10
C VAL A 264 12.12 -17.77 -1.21
N ALA A 265 11.76 -17.47 -2.46
CA ALA A 265 12.47 -17.90 -3.69
C ALA A 265 13.11 -16.64 -4.30
N LEU A 266 14.38 -16.72 -4.64
CA LEU A 266 15.07 -15.65 -5.37
C LEU A 266 15.48 -16.16 -6.73
N GLY A 267 14.85 -15.59 -7.76
CA GLY A 267 15.12 -15.86 -9.17
C GLY A 267 15.97 -14.75 -9.73
N GLU A 268 16.20 -14.80 -11.03
CA GLU A 268 16.91 -13.79 -11.86
C GLU A 268 16.18 -12.44 -11.76
N GLU A 269 14.85 -12.44 -11.76
CA GLU A 269 14.15 -11.13 -11.70
C GLU A 269 13.08 -11.07 -10.61
N ASP A 270 12.59 -12.20 -10.12
CA ASP A 270 11.54 -12.24 -9.09
C ASP A 270 12.15 -12.64 -7.75
N LEU A 271 11.67 -11.96 -6.71
CA LEU A 271 11.74 -12.47 -5.34
C LEU A 271 10.30 -12.76 -4.92
N SER A 272 9.99 -14.04 -4.71
CA SER A 272 8.63 -14.57 -4.54
C SER A 272 8.51 -15.15 -3.14
N ILE A 273 7.44 -14.79 -2.45
CA ILE A 273 7.16 -15.24 -1.07
C ILE A 273 5.82 -15.92 -1.09
N LYS A 274 5.82 -17.25 -0.95
CA LYS A 274 4.56 -18.04 -0.86
C LYS A 274 4.28 -18.37 0.59
N MET A 275 3.06 -18.09 1.03
CA MET A 275 2.50 -18.55 2.31
C MET A 275 1.45 -19.62 2.03
N SER A 276 1.72 -20.87 2.46
CA SER A 276 0.82 -22.04 2.29
C SER A 276 0.25 -22.43 3.64
N ASP A 277 -1.07 -22.50 3.72
CA ASP A 277 -1.82 -22.92 4.91
C ASP A 277 -2.69 -24.12 4.52
N ARG A 278 -3.23 -24.79 5.55
CA ARG A 278 -4.18 -25.92 5.44
C ARG A 278 -5.46 -25.54 6.19
N GLY A 279 -6.01 -24.37 5.90
CA GLY A 279 -7.18 -23.80 6.58
C GLY A 279 -8.51 -24.18 5.95
N GLY A 280 -8.53 -25.14 5.02
CA GLY A 280 -9.79 -25.59 4.41
C GLY A 280 -10.11 -24.85 3.11
N GLY A 281 -9.44 -23.74 2.85
CA GLY A 281 -9.57 -23.06 1.56
C GLY A 281 -10.89 -22.33 1.39
N VAL A 282 -11.04 -21.80 0.19
CA VAL A 282 -12.18 -20.99 -0.31
C VAL A 282 -12.53 -21.55 -1.69
N PRO A 283 -13.83 -21.68 -2.05
CA PRO A 283 -14.18 -22.03 -3.43
C PRO A 283 -13.72 -20.91 -4.37
N LEU A 284 -13.29 -21.27 -5.59
CA LEU A 284 -12.82 -20.29 -6.59
C LEU A 284 -13.79 -19.11 -6.70
N ARG A 285 -15.11 -19.37 -6.66
CA ARG A 285 -16.20 -18.35 -6.81
C ARG A 285 -15.97 -17.19 -5.83
N LYS A 286 -15.45 -17.45 -4.64
CA LYS A 286 -15.35 -16.45 -3.54
C LYS A 286 -14.02 -15.72 -3.54
N ILE A 287 -13.05 -16.11 -4.38
CA ILE A 287 -11.71 -15.45 -4.39
C ILE A 287 -11.81 -13.96 -4.76
N GLU A 288 -12.53 -13.65 -5.84
CA GLU A 288 -12.69 -12.27 -6.38
C GLU A 288 -13.22 -11.34 -5.28
N ARG A 289 -14.16 -11.83 -4.46
CA ARG A 289 -14.82 -11.08 -3.37
C ARG A 289 -13.82 -10.66 -2.30
N LEU A 290 -12.83 -11.51 -2.02
CA LEU A 290 -11.79 -11.22 -1.00
C LEU A 290 -10.97 -9.99 -1.43
N PHE A 291 -10.89 -9.70 -2.73
CA PHE A 291 -10.08 -8.55 -3.22
C PHE A 291 -10.97 -7.32 -3.44
N SER A 292 -12.28 -7.50 -3.28
CA SER A 292 -13.31 -6.46 -3.59
C SER A 292 -13.50 -5.52 -2.42
N TYR A 293 -13.25 -4.22 -2.57
CA TYR A 293 -13.55 -3.24 -1.49
C TYR A 293 -15.04 -3.31 -1.15
N MET A 294 -15.88 -3.38 -2.18
CA MET A 294 -17.36 -3.36 -1.97
C MET A 294 -17.78 -4.63 -1.21
N TYR A 295 -17.43 -5.81 -1.70
CA TYR A 295 -17.93 -7.09 -1.14
C TYR A 295 -17.28 -7.32 0.23
N SER A 296 -16.09 -6.77 0.48
CA SER A 296 -15.36 -6.94 1.76
C SER A 296 -15.65 -5.77 2.74
N THR A 297 -16.60 -4.88 2.40
CA THR A 297 -17.11 -3.77 3.27
C THR A 297 -18.43 -4.22 3.93
N ALA A 298 -18.49 -4.30 5.27
CA ALA A 298 -19.69 -4.66 6.05
C ALA A 298 -19.86 -3.71 7.24
N PRO A 299 -21.07 -3.59 7.82
CA PRO A 299 -21.29 -2.75 9.00
C PRO A 299 -20.28 -2.96 10.14
N GLY A 314 -12.04 0.18 2.09
CA GLY A 314 -10.71 -0.47 2.11
C GLY A 314 -10.78 -1.97 2.35
N TYR A 315 -9.61 -2.60 2.58
CA TYR A 315 -9.39 -3.84 3.38
C TYR A 315 -7.98 -4.42 3.08
N GLY A 316 -7.55 -5.31 3.99
CA GLY A 316 -6.20 -5.86 4.12
C GLY A 316 -5.69 -6.36 2.78
N LEU A 317 -6.45 -7.24 2.14
CA LEU A 317 -6.02 -7.95 0.92
C LEU A 317 -5.88 -6.97 -0.24
N PRO A 318 -6.95 -6.24 -0.65
CA PRO A 318 -6.85 -5.34 -1.78
C PRO A 318 -5.70 -4.34 -1.59
N ILE A 319 -5.54 -3.74 -0.40
CA ILE A 319 -4.50 -2.72 -0.12
C ILE A 319 -3.11 -3.39 -0.06
N SER A 320 -2.99 -4.57 0.53
CA SER A 320 -1.73 -5.35 0.52
C SER A 320 -1.32 -5.57 -0.95
N ARG A 321 -2.26 -5.91 -1.84
CA ARG A 321 -1.98 -6.10 -3.28
C ARG A 321 -1.45 -4.81 -3.91
N LEU A 322 -1.95 -3.64 -3.50
CA LEU A 322 -1.43 -2.37 -4.05
C LEU A 322 -0.01 -2.14 -3.55
N TYR A 323 0.31 -2.46 -2.30
CA TYR A 323 1.71 -2.33 -1.82
C TYR A 323 2.65 -3.16 -2.73
N ALA A 324 2.23 -4.35 -3.14
CA ALA A 324 3.05 -5.26 -3.99
C ALA A 324 3.17 -4.63 -5.38
N LYS A 325 2.06 -4.09 -5.90
CA LYS A 325 2.02 -3.51 -7.26
C LYS A 325 2.88 -2.26 -7.29
N TYR A 326 3.03 -1.58 -6.15
CA TYR A 326 3.63 -0.21 -6.08
C TYR A 326 5.05 -0.20 -6.66
N PHE A 327 5.83 -1.25 -6.43
CA PHE A 327 7.18 -1.38 -7.04
C PHE A 327 7.22 -2.51 -8.07
N GLN A 328 6.13 -2.65 -8.86
CA GLN A 328 6.02 -3.54 -10.06
C GLN A 328 5.97 -5.00 -9.61
N GLY A 329 5.39 -5.27 -8.44
CA GLY A 329 5.11 -6.61 -7.94
C GLY A 329 3.65 -6.95 -8.06
N ASP A 330 3.23 -7.98 -7.37
CA ASP A 330 1.81 -8.40 -7.29
C ASP A 330 1.62 -9.25 -6.04
N LEU A 331 0.38 -9.54 -5.73
CA LEU A 331 -0.07 -10.41 -4.65
C LEU A 331 -1.24 -11.23 -5.19
N GLN A 332 -1.07 -12.56 -5.28
CA GLN A 332 -2.07 -13.49 -5.84
C GLN A 332 -2.47 -14.51 -4.78
N LEU A 333 -3.74 -14.93 -4.81
CA LEU A 333 -4.30 -16.00 -3.97
C LEU A 333 -4.72 -17.15 -4.89
N PHE A 334 -4.32 -18.35 -4.52
CA PHE A 334 -4.90 -19.57 -5.12
CA PHE A 334 -4.77 -19.63 -5.13
C PHE A 334 -5.19 -20.56 -3.99
N SER A 335 -6.46 -20.91 -3.93
CA SER A 335 -7.00 -21.79 -2.89
C SER A 335 -7.34 -23.16 -3.48
N MET A 336 -7.47 -24.14 -2.59
CA MET A 336 -7.93 -25.50 -2.93
C MET A 336 -8.99 -25.85 -1.88
N GLU A 337 -10.24 -25.63 -2.24
CA GLU A 337 -11.37 -25.79 -1.31
C GLU A 337 -11.31 -27.19 -0.74
N GLY A 338 -11.28 -27.29 0.58
CA GLY A 338 -11.20 -28.56 1.31
C GLY A 338 -9.83 -28.81 1.87
N PHE A 339 -8.83 -28.03 1.45
CA PHE A 339 -7.44 -28.25 1.82
C PHE A 339 -6.86 -26.97 2.46
N GLY A 340 -6.69 -25.92 1.67
CA GLY A 340 -5.99 -24.71 2.12
C GLY A 340 -5.74 -23.72 1.00
N THR A 341 -4.97 -22.69 1.31
CA THR A 341 -4.79 -21.47 0.49
C THR A 341 -3.31 -21.13 0.41
N ASP A 342 -2.83 -20.88 -0.81
CA ASP A 342 -1.51 -20.27 -1.11
C ASP A 342 -1.74 -18.80 -1.41
N ALA A 343 -0.98 -17.94 -0.73
CA ALA A 343 -0.84 -16.51 -1.04
C ALA A 343 0.60 -16.27 -1.47
N VAL A 344 0.80 -15.59 -2.60
CA VAL A 344 2.15 -15.28 -3.12
C VAL A 344 2.30 -13.79 -3.24
N ILE A 345 3.36 -13.25 -2.66
CA ILE A 345 3.87 -11.89 -2.91
C ILE A 345 4.98 -12.01 -3.92
N TYR A 346 4.80 -11.35 -5.06
CA TYR A 346 5.81 -11.20 -6.13
C TYR A 346 6.44 -9.80 -6.00
N LEU A 347 7.74 -9.75 -5.79
CA LEU A 347 8.53 -8.50 -5.82
C LEU A 347 9.58 -8.63 -6.91
N LYS A 348 10.10 -7.48 -7.35
CA LYS A 348 11.27 -7.45 -8.25
C LYS A 348 12.50 -7.70 -7.38
N ALA A 349 13.38 -8.61 -7.82
CA ALA A 349 14.63 -8.97 -7.12
C ALA A 349 15.60 -7.77 -7.17
N LEU A 350 15.59 -7.03 -8.29
CA LEU A 350 16.59 -6.00 -8.66
C LEU A 350 16.03 -4.61 -8.42
N SER A 351 16.83 -3.80 -7.72
CA SER A 351 16.53 -2.37 -7.44
C SER A 351 16.30 -1.65 -8.75
N THR A 352 16.92 -2.09 -9.85
CA THR A 352 16.79 -1.42 -11.18
C THR A 352 15.39 -1.63 -11.77
N ASP A 353 14.68 -2.71 -11.39
CA ASP A 353 13.33 -3.03 -11.90
C ASP A 353 12.26 -2.54 -10.92
N SER A 354 12.67 -2.03 -9.76
CA SER A 354 11.79 -1.55 -8.66
C SER A 354 11.57 -0.06 -8.89
N VAL A 355 10.50 0.25 -9.63
CA VAL A 355 10.11 1.61 -10.05
C VAL A 355 8.67 1.79 -9.59
N GLU A 356 8.38 2.97 -9.03
CA GLU A 356 7.03 3.35 -8.59
C GLU A 356 6.09 3.03 -9.74
N ARG A 357 4.99 2.36 -9.42
CA ARG A 357 3.81 2.23 -10.29
C ARG A 357 2.76 3.25 -9.84
N LEU A 358 2.43 4.23 -10.68
CA LEU A 358 1.60 5.40 -10.31
C LEU A 358 0.38 5.39 -11.22
N PRO A 359 -0.86 5.63 -10.71
CA PRO A 359 -1.99 5.85 -11.60
C PRO A 359 -1.86 7.25 -12.20
N VAL A 360 -2.03 7.40 -13.51
CA VAL A 360 -1.93 8.74 -14.17
C VAL A 360 -3.32 9.14 -14.70
N TYR A 361 -3.69 10.40 -14.44
CA TYR A 361 -4.95 11.02 -14.94
C TYR A 361 -4.91 11.18 -16.48
N ASN A 362 -6.07 11.05 -17.13
CA ASN A 362 -6.37 11.47 -18.53
C ASN A 362 -6.68 10.24 -19.40
N LYS A 363 -7.72 10.36 -20.23
CA LYS A 363 -8.45 9.30 -21.00
C LYS A 363 -9.84 9.09 -20.37
N SER A 364 -9.95 8.49 -19.17
CA SER A 364 -11.12 8.59 -18.24
C SER A 364 -12.34 7.76 -18.70
N ALA A 365 -13.29 7.56 -17.77
CA ALA A 365 -14.55 6.78 -17.91
C ALA A 365 -14.25 5.37 -18.42
#